data_5ECC
#
_entry.id   5ECC
#
_cell.length_a   76.199
_cell.length_b   76.199
_cell.length_c   113.784
_cell.angle_alpha   90.00
_cell.angle_beta   90.00
_cell.angle_gamma   120.00
#
_symmetry.space_group_name_H-M   'P 31 2 1'
#
loop_
_entity.id
_entity.type
_entity.pdbx_description
1 polymer 'Dehydrofolate reductase type I'
2 non-polymer 'NADP NICOTINAMIDE-ADENINE-DINUCLEOTIDE PHOSPHATE'
3 non-polymer 6-ethyl-5-{3-[2-methoxy-5-(pyridin-4-yl)phenyl]prop-1-yn-1-yl}pyrimidine-2,4-diamine
4 non-polymer GLYCEROL
5 non-polymer 'CALCIUM ION'
6 water water
#
_entity_poly.entity_id   1
_entity_poly.type   'polypeptide(L)'
_entity_poly.pdbx_seq_one_letter_code
;MKLSLMVAISKNGVIGNGPDIPWSAKGEQLLFKAITYNQWLLVGRKTFESMGALPNRKYAVVTRSSFTSDNENVLIFPSI
KDALTNLKKITDHVIVSGGGEIYKSLIDQVDTLHISTIDIEPEGDVYFPEIPSNFRPVFTQDFASNINYSYQIWQKG
;
_entity_poly.pdbx_strand_id   A,B
#
loop_
_chem_comp.id
_chem_comp.type
_chem_comp.name
_chem_comp.formula
6DR non-polymer 6-ethyl-5-{3-[2-methoxy-5-(pyridin-4-yl)phenyl]prop-1-yn-1-yl}pyrimidine-2,4-diamine 'C21 H21 N5 O'
CA non-polymer 'CALCIUM ION' 'Ca 2'
GOL non-polymer GLYCEROL 'C3 H8 O3'
NAP non-polymer 'NADP NICOTINAMIDE-ADENINE-DINUCLEOTIDE PHOSPHATE' 'C21 H28 N7 O17 P3'
#
# COMPACT_ATOMS: atom_id res chain seq x y z
N MET A 1 10.90 18.78 1.06
CA MET A 1 10.37 17.74 0.19
C MET A 1 10.86 16.37 0.65
N LYS A 2 9.91 15.46 0.88
N LYS A 2 9.95 15.44 0.91
CA LYS A 2 10.23 14.09 1.26
CA LYS A 2 10.38 14.14 1.37
C LYS A 2 10.59 13.25 0.05
C LYS A 2 10.51 13.16 0.19
N LEU A 3 11.55 12.34 0.23
CA LEU A 3 11.91 11.41 -0.81
C LEU A 3 11.59 9.98 -0.39
N SER A 4 10.73 9.31 -1.15
CA SER A 4 10.54 7.89 -0.90
C SER A 4 11.23 7.11 -2.01
N LEU A 5 11.27 5.79 -1.86
CA LEU A 5 11.81 4.88 -2.86
C LEU A 5 10.97 3.61 -2.87
N MET A 6 10.66 3.12 -4.05
CA MET A 6 9.87 1.89 -4.18
C MET A 6 10.49 0.99 -5.23
N VAL A 7 10.67 -0.28 -4.87
CA VAL A 7 11.34 -1.26 -5.73
C VAL A 7 10.78 -2.66 -5.41
N ALA A 8 10.76 -3.55 -6.40
CA ALA A 8 10.55 -4.99 -6.16
C ALA A 8 11.89 -5.70 -6.37
N ILE A 9 12.38 -6.42 -5.34
CA ILE A 9 13.69 -7.09 -5.41
C ILE A 9 13.53 -8.61 -5.29
N SER A 10 14.00 -9.35 -6.30
CA SER A 10 13.97 -10.82 -6.25
C SER A 10 14.94 -11.33 -5.20
N LYS A 11 14.84 -12.62 -4.88
CA LYS A 11 15.57 -13.18 -3.75
C LYS A 11 17.10 -13.16 -3.94
N ASN A 12 17.57 -13.19 -5.19
CA ASN A 12 19.01 -13.13 -5.43
C ASN A 12 19.49 -11.71 -5.70
N GLY A 13 18.61 -10.73 -5.54
CA GLY A 13 19.00 -9.34 -5.70
C GLY A 13 18.76 -8.72 -7.07
N VAL A 14 18.39 -9.55 -8.05
CA VAL A 14 18.08 -9.05 -9.38
C VAL A 14 16.81 -8.21 -9.36
N ILE A 15 16.87 -7.01 -9.96
CA ILE A 15 15.68 -6.20 -10.14
C ILE A 15 15.31 -6.03 -11.62
N GLY A 16 16.23 -6.38 -12.51
CA GLY A 16 15.94 -6.20 -13.92
C GLY A 16 16.74 -7.10 -14.83
N ASN A 17 16.18 -7.39 -16.00
CA ASN A 17 16.85 -8.17 -17.03
C ASN A 17 16.70 -7.41 -18.34
N GLY A 18 17.76 -6.72 -18.73
CA GLY A 18 17.66 -5.80 -19.85
C GLY A 18 16.69 -4.70 -19.49
N PRO A 19 15.69 -4.46 -20.34
CA PRO A 19 14.72 -3.40 -20.05
C PRO A 19 13.53 -3.87 -19.21
N ASP A 20 13.47 -5.16 -18.89
CA ASP A 20 12.28 -5.74 -18.24
C ASP A 20 12.49 -6.14 -16.78
N ILE A 21 11.38 -6.28 -16.06
CA ILE A 21 11.40 -6.93 -14.76
C ILE A 21 11.12 -8.42 -14.98
N PRO A 22 12.11 -9.29 -14.68
CA PRO A 22 12.03 -10.70 -15.06
C PRO A 22 11.14 -11.56 -14.14
N TRP A 23 9.95 -11.09 -13.81
CA TRP A 23 8.96 -11.92 -13.14
C TRP A 23 7.60 -11.27 -13.25
N SER A 24 6.58 -12.03 -12.89
CA SER A 24 5.24 -11.49 -12.76
C SER A 24 4.62 -12.09 -11.51
N ALA A 25 4.66 -11.33 -10.41
CA ALA A 25 4.04 -11.77 -9.16
C ALA A 25 2.68 -11.09 -9.00
N LYS A 26 1.61 -11.84 -9.28
CA LYS A 26 0.26 -11.27 -9.27
C LYS A 26 -0.06 -10.66 -7.93
N GLY A 27 -0.57 -9.44 -7.96
CA GLY A 27 -0.89 -8.74 -6.72
C GLY A 27 0.16 -7.72 -6.34
N GLU A 28 1.44 -7.97 -6.65
CA GLU A 28 2.49 -7.05 -6.23
C GLU A 28 2.31 -5.70 -6.89
N GLN A 29 1.91 -5.67 -8.16
CA GLN A 29 1.81 -4.38 -8.82
C GLN A 29 0.70 -3.52 -8.21
N LEU A 30 -0.24 -4.14 -7.47
CA LEU A 30 -1.27 -3.41 -6.72
C LEU A 30 -0.65 -2.49 -5.68
N LEU A 31 0.39 -2.99 -5.02
CA LEU A 31 1.14 -2.18 -4.04
C LEU A 31 1.75 -0.98 -4.74
N PHE A 32 2.39 -1.21 -5.87
CA PHE A 32 2.97 -0.13 -6.64
C PHE A 32 1.91 0.91 -7.04
N LYS A 33 0.82 0.45 -7.63
CA LYS A 33 -0.28 1.33 -8.02
C LYS A 33 -0.84 2.14 -6.84
N ALA A 34 -1.01 1.48 -5.70
CA ALA A 34 -1.62 2.13 -4.52
C ALA A 34 -0.73 3.23 -3.96
N ILE A 35 0.53 2.90 -3.72
CA ILE A 35 1.47 3.84 -3.10
C ILE A 35 1.83 5.00 -4.05
N THR A 36 1.78 4.78 -5.35
CA THR A 36 2.19 5.83 -6.29
C THR A 36 1.00 6.64 -6.84
N TYR A 37 -0.21 6.31 -6.42
CA TYR A 37 -1.42 6.99 -6.93
C TYR A 37 -1.34 8.52 -6.69
N ASN A 38 -1.48 9.29 -7.77
CA ASN A 38 -1.37 10.76 -7.74
C ASN A 38 -0.09 11.27 -7.08
N GLN A 39 0.99 10.51 -7.22
CA GLN A 39 2.31 10.91 -6.73
C GLN A 39 3.26 11.32 -7.86
N TRP A 40 4.29 12.08 -7.50
CA TRP A 40 5.41 12.33 -8.39
C TRP A 40 6.40 11.17 -8.31
N LEU A 41 6.71 10.60 -9.46
CA LEU A 41 7.72 9.55 -9.58
C LEU A 41 8.97 10.07 -10.29
N LEU A 42 10.15 9.87 -9.67
CA LEU A 42 11.43 10.15 -10.35
C LEU A 42 11.95 8.84 -10.94
N VAL A 43 12.13 8.82 -12.27
CA VAL A 43 12.58 7.62 -12.98
C VAL A 43 13.68 7.96 -14.00
N GLY A 44 14.55 6.99 -14.28
CA GLY A 44 15.55 7.15 -15.34
C GLY A 44 14.89 6.93 -16.68
N ARG A 45 15.51 7.43 -17.75
CA ARG A 45 14.90 7.41 -19.09
C ARG A 45 14.58 5.99 -19.56
N LYS A 46 15.46 5.04 -19.25
CA LYS A 46 15.26 3.69 -19.77
C LYS A 46 14.03 3.03 -19.16
N THR A 47 13.91 3.14 -17.83
CA THR A 47 12.73 2.60 -17.16
C THR A 47 11.48 3.30 -17.69
N PHE A 48 11.54 4.62 -17.87
CA PHE A 48 10.36 5.35 -18.36
C PHE A 48 9.91 4.86 -19.74
N GLU A 49 10.87 4.79 -20.65
CA GLU A 49 10.61 4.39 -22.03
C GLU A 49 10.14 2.95 -22.09
N SER A 50 10.54 2.15 -21.11
CA SER A 50 10.14 0.76 -21.04
C SER A 50 8.80 0.51 -20.35
N MET A 51 8.51 1.26 -19.29
N MET A 51 8.49 1.26 -19.30
CA MET A 51 7.27 1.07 -18.54
CA MET A 51 7.25 1.02 -18.59
C MET A 51 6.15 1.97 -19.04
C MET A 51 6.13 1.96 -19.06
N GLY A 52 6.51 3.12 -19.59
CA GLY A 52 5.54 4.07 -20.10
C GLY A 52 4.90 4.90 -18.99
N ALA A 53 4.14 5.94 -19.36
CA ALA A 53 3.51 6.79 -18.36
C ALA A 53 2.15 6.25 -17.95
N LEU A 54 2.13 5.41 -16.91
N LEU A 54 2.13 5.43 -16.90
CA LEU A 54 0.88 4.91 -16.32
CA LEU A 54 0.88 4.98 -16.32
C LEU A 54 0.04 6.09 -15.85
C LEU A 54 0.03 6.17 -15.92
N PRO A 55 -1.29 6.06 -16.08
CA PRO A 55 -2.16 7.17 -15.72
C PRO A 55 -2.25 7.40 -14.21
N ASN A 56 -2.76 8.55 -13.80
CA ASN A 56 -2.93 8.91 -12.38
C ASN A 56 -1.61 9.03 -11.63
N ARG A 57 -0.53 9.30 -12.36
CA ARG A 57 0.78 9.57 -11.79
C ARG A 57 1.46 10.72 -12.52
N LYS A 58 2.39 11.40 -11.85
CA LYS A 58 3.27 12.34 -12.53
C LYS A 58 4.66 11.70 -12.63
N TYR A 59 5.42 12.08 -13.65
CA TYR A 59 6.77 11.56 -13.82
C TYR A 59 7.79 12.67 -14.00
N ALA A 60 8.88 12.57 -13.25
CA ALA A 60 10.08 13.36 -13.53
C ALA A 60 11.14 12.41 -14.12
N VAL A 61 11.42 12.57 -15.41
CA VAL A 61 12.35 11.68 -16.09
C VAL A 61 13.70 12.37 -16.28
N VAL A 62 14.78 11.71 -15.89
CA VAL A 62 16.10 12.30 -16.09
C VAL A 62 16.78 11.66 -17.30
N THR A 63 17.42 12.51 -18.08
CA THR A 63 18.12 12.10 -19.30
C THR A 63 19.24 13.09 -19.56
N ARG A 64 20.36 12.59 -20.07
N ARG A 64 20.35 12.59 -20.07
CA ARG A 64 21.44 13.47 -20.52
CA ARG A 64 21.44 13.45 -20.51
C ARG A 64 21.30 13.71 -22.01
C ARG A 64 21.27 13.74 -22.00
N SER A 65 20.30 13.06 -22.60
CA SER A 65 19.98 13.24 -24.01
C SER A 65 18.99 14.38 -24.21
N SER A 66 18.43 14.45 -25.42
CA SER A 66 17.39 15.41 -25.74
C SER A 66 16.06 14.68 -25.80
N PHE A 67 15.97 13.55 -25.09
CA PHE A 67 14.71 12.81 -24.99
C PHE A 67 13.55 13.75 -24.63
N THR A 68 12.44 13.60 -25.32
N THR A 68 12.44 13.60 -25.32
CA THR A 68 11.28 14.48 -25.13
CA THR A 68 11.27 14.46 -25.10
C THR A 68 10.01 13.67 -24.86
C THR A 68 10.01 13.66 -24.81
N SER A 69 9.03 14.31 -24.20
CA SER A 69 7.72 13.70 -23.98
C SER A 69 6.61 14.74 -24.11
N ASP A 70 5.57 14.43 -24.88
CA ASP A 70 4.47 15.37 -25.01
C ASP A 70 3.34 15.04 -24.04
N ASN A 71 3.58 14.08 -23.16
CA ASN A 71 2.61 13.74 -22.12
C ASN A 71 2.53 14.85 -21.08
N GLU A 72 1.30 15.26 -20.76
CA GLU A 72 1.10 16.41 -19.88
C GLU A 72 1.48 16.11 -18.44
N ASN A 73 1.64 14.83 -18.12
CA ASN A 73 2.02 14.41 -16.76
C ASN A 73 3.49 14.05 -16.63
N VAL A 74 4.27 14.41 -17.64
CA VAL A 74 5.69 14.06 -17.68
C VAL A 74 6.60 15.28 -17.86
N LEU A 75 7.51 15.48 -16.90
CA LEU A 75 8.51 16.53 -16.96
C LEU A 75 9.89 15.90 -17.17
N ILE A 76 10.69 16.52 -18.03
CA ILE A 76 12.02 16.00 -18.34
C ILE A 76 13.13 16.91 -17.80
N PHE A 77 14.13 16.30 -17.15
CA PHE A 77 15.22 17.04 -16.54
C PHE A 77 16.59 16.59 -17.04
N PRO A 78 17.54 17.52 -17.18
CA PRO A 78 18.85 17.16 -17.74
C PRO A 78 19.75 16.47 -16.72
N SER A 79 19.39 16.53 -15.45
CA SER A 79 20.15 15.88 -14.40
C SER A 79 19.28 15.54 -13.19
N ILE A 80 19.73 14.58 -12.38
CA ILE A 80 19.02 14.26 -11.14
C ILE A 80 19.04 15.48 -10.23
N LYS A 81 20.19 16.17 -10.17
CA LYS A 81 20.31 17.38 -9.37
C LYS A 81 19.26 18.45 -9.75
N ASP A 82 19.07 18.68 -11.05
N ASP A 82 19.09 18.66 -11.04
CA ASP A 82 18.10 19.67 -11.50
CA ASP A 82 18.12 19.64 -11.53
C ASP A 82 16.65 19.20 -11.27
C ASP A 82 16.69 19.19 -11.21
N ALA A 83 16.42 17.90 -11.39
CA ALA A 83 15.10 17.33 -11.06
C ALA A 83 14.72 17.62 -9.60
N LEU A 84 15.63 17.34 -8.68
CA LEU A 84 15.39 17.59 -7.25
C LEU A 84 15.20 19.09 -6.94
N THR A 85 16.02 19.92 -7.58
CA THR A 85 15.92 21.37 -7.44
C THR A 85 14.54 21.87 -7.83
N ASN A 86 14.06 21.40 -8.96
CA ASN A 86 12.75 21.82 -9.42
C ASN A 86 11.57 21.15 -8.70
N LEU A 87 11.67 19.84 -8.45
CA LEU A 87 10.58 19.12 -7.79
C LEU A 87 10.23 19.69 -6.42
N LYS A 88 11.25 20.05 -5.63
CA LYS A 88 11.02 20.61 -4.30
C LYS A 88 10.25 21.94 -4.33
N LYS A 89 10.14 22.56 -5.51
CA LYS A 89 9.41 23.81 -5.61
C LYS A 89 7.99 23.57 -6.11
N ILE A 90 7.68 22.35 -6.54
CA ILE A 90 6.32 22.09 -7.03
C ILE A 90 5.59 20.94 -6.31
N THR A 91 6.29 20.18 -5.47
CA THR A 91 5.66 19.12 -4.67
C THR A 91 6.38 18.93 -3.32
N ASP A 92 5.76 18.21 -2.40
CA ASP A 92 6.38 17.92 -1.11
C ASP A 92 6.78 16.45 -1.01
N HIS A 93 6.55 15.70 -2.08
CA HIS A 93 6.87 14.28 -2.06
C HIS A 93 7.16 13.73 -3.46
N VAL A 94 8.27 13.01 -3.55
N VAL A 94 8.28 13.03 -3.60
CA VAL A 94 8.68 12.35 -4.78
CA VAL A 94 8.52 12.32 -4.84
C VAL A 94 9.05 10.89 -4.47
C VAL A 94 9.04 10.93 -4.52
N ILE A 95 8.59 9.95 -5.30
CA ILE A 95 8.93 8.56 -5.09
C ILE A 95 9.92 8.10 -6.14
N VAL A 96 11.14 7.79 -5.70
CA VAL A 96 12.15 7.22 -6.59
C VAL A 96 11.74 5.82 -7.05
N SER A 97 11.50 5.65 -8.36
CA SER A 97 10.86 4.44 -8.88
C SER A 97 11.69 3.66 -9.91
N GLY A 98 13.00 3.92 -9.97
CA GLY A 98 13.89 3.13 -10.79
C GLY A 98 14.44 3.85 -12.01
N GLY A 99 15.34 3.22 -12.75
CA GLY A 99 15.82 1.88 -12.46
C GLY A 99 17.12 1.81 -11.67
N GLY A 100 17.98 0.86 -12.05
CA GLY A 100 19.23 0.63 -11.35
C GLY A 100 20.09 1.85 -11.13
N GLU A 101 20.32 2.64 -12.18
CA GLU A 101 21.20 3.80 -12.06
C GLU A 101 20.62 4.85 -11.10
N ILE A 102 19.31 5.04 -11.22
CA ILE A 102 18.61 6.03 -10.41
C ILE A 102 18.57 5.59 -8.94
N TYR A 103 18.34 4.30 -8.70
CA TYR A 103 18.41 3.79 -7.32
C TYR A 103 19.80 4.00 -6.69
N LYS A 104 20.85 3.67 -7.43
CA LYS A 104 22.23 3.85 -6.95
C LYS A 104 22.49 5.31 -6.56
N SER A 105 22.01 6.22 -7.40
N SER A 105 22.03 6.24 -7.39
CA SER A 105 22.25 7.65 -7.22
CA SER A 105 22.28 7.65 -7.17
C SER A 105 21.45 8.30 -6.10
C SER A 105 21.53 8.21 -5.97
N LEU A 106 20.33 7.72 -5.71
CA LEU A 106 19.46 8.37 -4.74
C LEU A 106 19.25 7.67 -3.40
N ILE A 107 19.67 6.41 -3.30
CA ILE A 107 19.34 5.61 -2.12
C ILE A 107 19.80 6.32 -0.83
N ASP A 108 20.96 6.98 -0.87
CA ASP A 108 21.47 7.65 0.31
C ASP A 108 20.76 8.97 0.62
N GLN A 109 19.84 9.38 -0.25
CA GLN A 109 19.12 10.63 -0.04
C GLN A 109 17.65 10.44 0.37
N VAL A 110 17.15 9.22 0.31
CA VAL A 110 15.71 9.01 0.54
C VAL A 110 15.39 8.80 2.02
N ASP A 111 14.12 9.02 2.37
CA ASP A 111 13.68 8.91 3.75
C ASP A 111 12.99 7.60 4.06
N THR A 112 12.32 7.03 3.06
CA THR A 112 11.48 5.86 3.27
C THR A 112 11.65 4.88 2.13
N LEU A 113 11.80 3.60 2.47
CA LEU A 113 11.90 2.55 1.46
C LEU A 113 10.65 1.66 1.47
N HIS A 114 10.18 1.39 0.27
CA HIS A 114 9.11 0.43 0.03
C HIS A 114 9.71 -0.73 -0.74
N ILE A 115 9.93 -1.86 -0.08
CA ILE A 115 10.60 -2.97 -0.75
C ILE A 115 9.74 -4.22 -0.75
N SER A 116 9.46 -4.72 -1.95
CA SER A 116 8.76 -5.98 -2.12
C SER A 116 9.80 -7.03 -2.51
N THR A 117 9.98 -8.01 -1.63
CA THR A 117 10.92 -9.11 -1.85
C THR A 117 10.17 -10.22 -2.55
N ILE A 118 10.62 -10.55 -3.76
CA ILE A 118 9.92 -11.46 -4.65
C ILE A 118 10.55 -12.86 -4.57
N ASP A 119 9.74 -13.87 -4.25
CA ASP A 119 10.23 -15.23 -3.97
C ASP A 119 10.63 -15.95 -5.24
N ILE A 120 11.71 -15.48 -5.86
CA ILE A 120 12.17 -16.06 -7.12
C ILE A 120 13.64 -15.70 -7.32
N GLU A 121 14.37 -16.51 -8.09
CA GLU A 121 15.78 -16.26 -8.35
C GLU A 121 16.03 -16.27 -9.85
N PRO A 122 15.75 -15.14 -10.52
CA PRO A 122 15.76 -15.10 -11.98
C PRO A 122 17.10 -14.72 -12.58
N GLU A 123 17.20 -14.88 -13.90
CA GLU A 123 18.28 -14.30 -14.69
C GLU A 123 18.06 -12.80 -14.77
N GLY A 124 19.15 -12.03 -14.72
CA GLY A 124 19.06 -10.59 -14.88
C GLY A 124 20.41 -9.94 -14.70
N ASP A 125 20.53 -8.70 -15.12
CA ASP A 125 21.80 -7.98 -15.04
C ASP A 125 21.69 -6.65 -14.31
N VAL A 126 20.56 -6.41 -13.66
CA VAL A 126 20.39 -5.15 -12.95
C VAL A 126 20.14 -5.44 -11.49
N TYR A 127 20.88 -4.75 -10.62
CA TYR A 127 20.79 -5.01 -9.18
C TYR A 127 20.43 -3.76 -8.40
N PHE A 128 20.10 -3.95 -7.13
CA PHE A 128 19.73 -2.86 -6.25
C PHE A 128 20.91 -2.51 -5.35
N PRO A 129 21.04 -1.23 -4.97
CA PRO A 129 22.14 -0.91 -4.05
C PRO A 129 22.02 -1.66 -2.73
N GLU A 130 23.12 -1.71 -2.00
CA GLU A 130 23.08 -2.15 -0.62
C GLU A 130 22.29 -1.10 0.17
N ILE A 131 21.49 -1.56 1.13
CA ILE A 131 20.69 -0.65 1.93
C ILE A 131 21.53 0.02 2.99
N PRO A 132 21.55 1.37 3.01
CA PRO A 132 22.28 2.15 4.01
C PRO A 132 21.94 1.73 5.44
N SER A 133 22.90 1.87 6.34
CA SER A 133 22.81 1.24 7.67
C SER A 133 21.79 1.90 8.60
N ASN A 134 21.45 3.16 8.38
CA ASN A 134 20.53 3.84 9.27
C ASN A 134 19.05 3.56 8.95
N PHE A 135 18.81 2.73 7.93
CA PHE A 135 17.44 2.28 7.61
C PHE A 135 17.04 1.08 8.46
N ARG A 136 15.82 1.10 8.97
N ARG A 136 15.83 1.13 9.00
CA ARG A 136 15.28 0.00 9.77
CA ARG A 136 15.27 0.02 9.75
C ARG A 136 13.84 -0.30 9.36
C ARG A 136 13.87 -0.30 9.21
N PRO A 137 13.51 -1.59 9.14
CA PRO A 137 12.14 -1.95 8.76
C PRO A 137 11.15 -1.62 9.89
N VAL A 138 9.98 -1.10 9.54
CA VAL A 138 8.96 -0.74 10.54
C VAL A 138 7.62 -1.45 10.30
N PHE A 139 7.50 -2.10 9.15
CA PHE A 139 6.30 -2.81 8.78
C PHE A 139 6.63 -3.93 7.81
N THR A 140 5.98 -5.08 7.96
CA THR A 140 6.21 -6.20 7.06
C THR A 140 4.90 -6.94 6.83
N GLN A 141 4.60 -7.34 5.60
CA GLN A 141 3.49 -8.27 5.41
C GLN A 141 3.74 -9.23 4.27
N ASP A 142 3.49 -10.52 4.53
CA ASP A 142 3.69 -11.57 3.53
C ASP A 142 2.44 -11.82 2.71
N PHE A 143 2.67 -12.20 1.45
CA PHE A 143 1.61 -12.46 0.48
C PHE A 143 1.86 -13.78 -0.21
N ALA A 144 0.83 -14.61 -0.29
CA ALA A 144 0.95 -15.84 -1.08
C ALA A 144 0.38 -15.57 -2.45
N SER A 145 1.09 -16.00 -3.49
CA SER A 145 0.61 -15.83 -4.86
C SER A 145 1.25 -16.86 -5.79
N ASN A 146 1.15 -16.63 -7.10
CA ASN A 146 1.82 -17.53 -8.04
C ASN A 146 3.33 -17.47 -7.78
N ILE A 147 3.80 -16.26 -7.49
CA ILE A 147 5.12 -16.08 -6.89
C ILE A 147 4.89 -15.32 -5.59
N ASN A 148 5.30 -15.89 -4.46
CA ASN A 148 5.14 -15.23 -3.17
C ASN A 148 5.94 -13.93 -3.11
N TYR A 149 5.45 -12.97 -2.34
CA TYR A 149 6.21 -11.76 -2.12
C TYR A 149 5.97 -11.21 -0.72
N SER A 150 6.93 -10.41 -0.27
CA SER A 150 6.81 -9.83 1.06
C SER A 150 7.10 -8.35 0.97
N TYR A 151 6.20 -7.57 1.55
CA TYR A 151 6.25 -6.12 1.48
C TYR A 151 6.75 -5.57 2.81
N GLN A 152 7.79 -4.76 2.74
CA GLN A 152 8.41 -4.22 3.95
C GLN A 152 8.67 -2.72 3.73
N ILE A 153 8.30 -1.91 4.71
CA ILE A 153 8.58 -0.50 4.67
C ILE A 153 9.73 -0.20 5.64
N TRP A 154 10.73 0.52 5.16
CA TRP A 154 11.88 0.93 5.94
C TRP A 154 11.86 2.43 6.17
N GLN A 155 12.26 2.85 7.36
CA GLN A 155 12.43 4.25 7.71
C GLN A 155 13.87 4.57 8.11
N LYS A 156 14.34 5.75 7.73
CA LYS A 156 15.63 6.25 8.23
C LYS A 156 15.47 6.76 9.66
N GLY A 157 16.47 6.53 10.51
CA GLY A 157 16.38 7.00 11.88
C GLY A 157 17.54 6.60 12.80
N MET B 1 -0.81 -16.37 15.40
CA MET B 1 -1.51 -15.69 14.32
C MET B 1 -1.51 -14.18 14.55
N LYS B 2 -1.07 -13.44 13.55
CA LYS B 2 -1.07 -11.98 13.65
C LYS B 2 -2.42 -11.41 13.23
N LEU B 3 -2.87 -10.37 13.92
CA LEU B 3 -4.08 -9.67 13.51
C LEU B 3 -3.74 -8.25 13.05
N SER B 4 -4.15 -7.91 11.84
CA SER B 4 -4.11 -6.51 11.40
C SER B 4 -5.55 -5.98 11.33
N LEU B 5 -5.66 -4.67 11.17
CA LEU B 5 -6.96 -3.98 11.06
C LEU B 5 -6.79 -2.93 9.99
N MET B 6 -7.77 -2.82 9.09
CA MET B 6 -7.71 -1.79 8.06
C MET B 6 -9.04 -1.06 7.94
N VAL B 7 -8.96 0.27 7.92
CA VAL B 7 -10.15 1.12 7.96
C VAL B 7 -9.87 2.46 7.26
N ALA B 8 -10.90 3.03 6.67
CA ALA B 8 -10.89 4.43 6.25
C ALA B 8 -11.79 5.27 7.18
N ILE B 9 -11.20 6.26 7.86
CA ILE B 9 -11.93 7.06 8.85
C ILE B 9 -11.98 8.50 8.40
N SER B 10 -13.18 9.09 8.40
CA SER B 10 -13.29 10.50 8.07
C SER B 10 -12.85 11.38 9.24
N LYS B 11 -12.86 12.69 9.04
CA LYS B 11 -12.28 13.63 9.99
C LYS B 11 -13.04 13.65 11.31
N ASN B 12 -14.34 13.34 11.30
CA ASN B 12 -15.11 13.35 12.53
C ASN B 12 -15.28 11.96 13.13
N GLY B 13 -14.53 10.99 12.61
CA GLY B 13 -14.57 9.65 13.15
C GLY B 13 -15.61 8.74 12.51
N VAL B 14 -16.44 9.29 11.64
CA VAL B 14 -17.46 8.51 10.95
C VAL B 14 -16.84 7.53 9.94
N ILE B 15 -17.26 6.26 9.97
CA ILE B 15 -16.80 5.27 8.99
C ILE B 15 -17.97 4.73 8.18
N GLY B 16 -19.20 5.06 8.60
CA GLY B 16 -20.36 4.51 7.94
C GLY B 16 -21.65 5.26 8.23
N ASN B 17 -22.58 5.18 7.29
CA ASN B 17 -23.90 5.73 7.44
C ASN B 17 -24.87 4.68 6.97
N GLY B 18 -25.61 4.09 7.90
CA GLY B 18 -26.37 2.89 7.57
C GLY B 18 -25.41 1.84 7.04
N PRO B 19 -25.73 1.26 5.88
CA PRO B 19 -24.85 0.24 5.31
C PRO B 19 -23.72 0.80 4.44
N ASP B 20 -23.65 2.12 4.28
CA ASP B 20 -22.75 2.70 3.28
C ASP B 20 -21.59 3.49 3.86
N ILE B 21 -20.46 3.45 3.17
CA ILE B 21 -19.37 4.37 3.44
C ILE B 21 -19.71 5.71 2.78
N PRO B 22 -19.91 6.77 3.59
CA PRO B 22 -20.49 8.01 3.06
C PRO B 22 -19.50 8.93 2.34
N TRP B 23 -18.66 8.35 1.49
CA TRP B 23 -17.76 9.12 0.62
C TRP B 23 -17.19 8.20 -0.44
N SER B 24 -16.58 8.82 -1.44
CA SER B 24 -15.78 8.11 -2.43
C SER B 24 -14.51 8.91 -2.66
N ALA B 25 -13.40 8.38 -2.18
CA ALA B 25 -12.10 9.03 -2.32
C ALA B 25 -11.32 8.27 -3.36
N LYS B 26 -11.29 8.76 -4.60
CA LYS B 26 -10.66 8.03 -5.70
C LYS B 26 -9.21 7.71 -5.38
N GLY B 27 -8.85 6.46 -5.58
CA GLY B 27 -7.52 5.97 -5.25
C GLY B 27 -7.37 5.27 -3.92
N GLU B 28 -8.17 5.65 -2.93
CA GLU B 28 -8.01 5.08 -1.58
C GLU B 28 -8.23 3.57 -1.59
N GLN B 29 -9.24 3.15 -2.40
N GLN B 29 -9.21 3.13 -2.39
CA GLN B 29 -9.62 1.76 -2.64
CA GLN B 29 -9.56 1.73 -2.47
C GLN B 29 -8.44 0.86 -3.02
C GLN B 29 -8.40 0.85 -2.98
N LEU B 30 -7.44 1.47 -3.67
CA LEU B 30 -6.26 0.72 -4.11
C LEU B 30 -5.44 0.23 -2.91
N LEU B 31 -5.31 1.06 -1.89
CA LEU B 31 -4.65 0.63 -0.64
C LEU B 31 -5.33 -0.61 -0.06
N PHE B 32 -6.65 -0.53 0.10
CA PHE B 32 -7.41 -1.68 0.62
C PHE B 32 -7.19 -2.93 -0.24
N LYS B 33 -7.32 -2.80 -1.56
CA LYS B 33 -7.13 -3.93 -2.47
C LYS B 33 -5.72 -4.49 -2.40
N ALA B 34 -4.72 -3.60 -2.34
CA ALA B 34 -3.31 -4.04 -2.29
C ALA B 34 -2.96 -4.78 -0.98
N ILE B 35 -3.37 -4.21 0.15
CA ILE B 35 -3.03 -4.80 1.44
C ILE B 35 -3.80 -6.11 1.72
N THR B 36 -5.01 -6.22 1.18
CA THR B 36 -5.83 -7.39 1.45
C THR B 36 -5.68 -8.51 0.42
N TYR B 37 -4.80 -8.31 -0.56
CA TYR B 37 -4.69 -9.25 -1.68
C TYR B 37 -4.33 -10.65 -1.21
N ASN B 38 -5.17 -11.62 -1.58
CA ASN B 38 -5.02 -13.01 -1.12
C ASN B 38 -4.87 -13.17 0.39
N GLN B 39 -5.57 -12.33 1.15
CA GLN B 39 -5.52 -12.40 2.60
C GLN B 39 -6.86 -12.89 3.14
N TRP B 40 -6.84 -13.39 4.37
CA TRP B 40 -8.07 -13.62 5.14
C TRP B 40 -8.56 -12.33 5.79
N LEU B 41 -9.79 -11.95 5.49
CA LEU B 41 -10.42 -10.81 6.13
C LEU B 41 -11.45 -11.28 7.14
N LEU B 42 -11.44 -10.69 8.33
CA LEU B 42 -12.50 -10.93 9.29
C LEU B 42 -13.49 -9.75 9.24
N VAL B 43 -14.73 -10.03 8.90
CA VAL B 43 -15.77 -9.01 8.75
C VAL B 43 -17.06 -9.38 9.44
N GLY B 44 -17.81 -8.37 9.86
CA GLY B 44 -19.15 -8.57 10.39
C GLY B 44 -20.10 -8.81 9.24
N ARG B 45 -21.24 -9.44 9.52
CA ARG B 45 -22.22 -9.77 8.50
C ARG B 45 -22.73 -8.57 7.72
N LYS B 46 -22.93 -7.45 8.42
CA LYS B 46 -23.52 -6.28 7.75
C LYS B 46 -22.58 -5.73 6.68
N THR B 47 -21.32 -5.58 7.04
CA THR B 47 -20.30 -5.14 6.09
C THR B 47 -20.19 -6.12 4.94
N PHE B 48 -20.11 -7.42 5.26
CA PHE B 48 -19.98 -8.44 4.22
C PHE B 48 -21.11 -8.39 3.20
N GLU B 49 -22.35 -8.26 3.68
CA GLU B 49 -23.49 -8.23 2.76
C GLU B 49 -23.44 -6.99 1.87
N SER B 50 -23.07 -5.87 2.49
CA SER B 50 -23.03 -4.59 1.79
C SER B 50 -21.89 -4.50 0.77
N MET B 51 -20.74 -5.06 1.14
N MET B 51 -20.74 -5.09 1.10
CA MET B 51 -19.54 -5.02 0.30
CA MET B 51 -19.59 -4.98 0.22
C MET B 51 -19.55 -6.15 -0.73
C MET B 51 -19.42 -6.20 -0.69
N GLY B 52 -20.03 -7.32 -0.31
CA GLY B 52 -19.93 -8.54 -1.10
C GLY B 52 -18.53 -9.15 -1.08
N ALA B 53 -18.41 -10.39 -1.54
CA ALA B 53 -17.10 -11.04 -1.58
C ALA B 53 -16.34 -10.69 -2.86
N LEU B 54 -15.52 -9.65 -2.81
CA LEU B 54 -14.59 -9.35 -3.89
C LEU B 54 -13.69 -10.54 -4.18
N PRO B 55 -13.28 -10.71 -5.45
CA PRO B 55 -12.36 -11.79 -5.77
C PRO B 55 -10.96 -11.54 -5.17
N ASN B 56 -10.16 -12.60 -5.07
CA ASN B 56 -8.75 -12.51 -4.67
C ASN B 56 -8.55 -12.23 -3.19
N ARG B 57 -9.55 -12.56 -2.39
CA ARG B 57 -9.37 -12.56 -0.95
C ARG B 57 -10.35 -13.55 -0.35
N LYS B 58 -10.18 -13.82 0.94
CA LYS B 58 -10.99 -14.81 1.62
C LYS B 58 -11.62 -14.17 2.84
N TYR B 59 -12.83 -14.61 3.18
CA TYR B 59 -13.63 -13.93 4.19
C TYR B 59 -14.07 -14.85 5.32
N ALA B 60 -13.81 -14.42 6.55
CA ALA B 60 -14.39 -15.02 7.71
C ALA B 60 -15.47 -14.06 8.21
N VAL B 61 -16.72 -14.51 8.16
CA VAL B 61 -17.85 -13.64 8.48
C VAL B 61 -18.50 -14.09 9.78
N VAL B 62 -18.71 -13.16 10.72
CA VAL B 62 -19.44 -13.53 11.94
C VAL B 62 -20.90 -13.09 11.86
N THR B 63 -21.76 -13.95 12.39
CA THR B 63 -23.22 -13.73 12.38
C THR B 63 -23.83 -14.50 13.54
N ARG B 64 -24.93 -13.97 14.07
CA ARG B 64 -25.70 -14.69 15.08
C ARG B 64 -26.89 -15.38 14.45
N SER B 65 -27.14 -15.09 13.17
CA SER B 65 -28.26 -15.68 12.44
C SER B 65 -27.82 -16.89 11.66
N SER B 66 -28.73 -17.42 10.86
CA SER B 66 -28.42 -18.59 10.06
C SER B 66 -27.83 -18.22 8.70
N PHE B 67 -27.25 -17.01 8.61
CA PHE B 67 -26.63 -16.55 7.37
C PHE B 67 -25.67 -17.59 6.82
N THR B 68 -25.72 -17.82 5.51
CA THR B 68 -24.91 -18.85 4.89
C THR B 68 -24.29 -18.34 3.60
N SER B 69 -23.32 -19.08 3.09
CA SER B 69 -22.73 -18.75 1.80
C SER B 69 -22.30 -20.01 1.05
N ASP B 70 -22.34 -19.93 -0.27
CA ASP B 70 -21.90 -21.04 -1.12
C ASP B 70 -20.69 -20.62 -1.95
N ASN B 71 -20.03 -19.55 -1.51
CA ASN B 71 -18.76 -19.13 -2.10
C ASN B 71 -17.63 -19.86 -1.39
N GLU B 72 -16.75 -20.51 -2.15
CA GLU B 72 -15.73 -21.34 -1.52
C GLU B 72 -14.70 -20.50 -0.74
N ASN B 73 -14.67 -19.20 -1.01
CA ASN B 73 -13.75 -18.32 -0.29
C ASN B 73 -14.38 -17.59 0.91
N VAL B 74 -15.59 -18.01 1.29
CA VAL B 74 -16.28 -17.44 2.45
C VAL B 74 -16.52 -18.49 3.53
N LEU B 75 -16.17 -18.18 4.78
CA LEU B 75 -16.50 -19.00 5.92
C LEU B 75 -17.41 -18.22 6.88
N ILE B 76 -18.49 -18.87 7.33
CA ILE B 76 -19.42 -18.23 8.25
C ILE B 76 -19.20 -18.78 9.68
N PHE B 77 -19.08 -17.90 10.66
CA PHE B 77 -18.86 -18.34 12.04
C PHE B 77 -19.91 -17.72 12.98
N PRO B 78 -20.28 -18.46 14.06
CA PRO B 78 -21.30 -18.00 15.00
C PRO B 78 -20.76 -17.00 16.05
N SER B 79 -19.43 -16.92 16.17
CA SER B 79 -18.80 -15.99 17.10
C SER B 79 -17.41 -15.61 16.60
N ILE B 80 -16.88 -14.52 17.17
CA ILE B 80 -15.51 -14.07 16.94
C ILE B 80 -14.49 -15.06 17.49
N LYS B 81 -14.69 -15.51 18.73
CA LYS B 81 -13.80 -16.51 19.33
C LYS B 81 -13.68 -17.73 18.43
N ASP B 82 -14.81 -18.17 17.88
CA ASP B 82 -14.85 -19.31 16.98
C ASP B 82 -14.19 -19.03 15.61
N ALA B 83 -14.43 -17.84 15.04
CA ALA B 83 -13.69 -17.44 13.85
C ALA B 83 -12.17 -17.47 14.08
N LEU B 84 -11.70 -16.85 15.15
CA LEU B 84 -10.25 -16.77 15.38
C LEU B 84 -9.61 -18.12 15.69
N THR B 85 -10.32 -18.93 16.48
CA THR B 85 -9.88 -20.28 16.80
C THR B 85 -9.69 -21.11 15.53
N ASN B 86 -10.66 -21.04 14.62
CA ASN B 86 -10.56 -21.77 13.39
C ASN B 86 -9.56 -21.19 12.38
N LEU B 87 -9.48 -19.87 12.28
CA LEU B 87 -8.54 -19.24 11.36
C LEU B 87 -7.08 -19.58 11.72
N LYS B 88 -6.78 -19.66 13.01
CA LYS B 88 -5.44 -19.99 13.48
C LYS B 88 -4.98 -21.38 12.98
N LYS B 89 -5.93 -22.20 12.57
CA LYS B 89 -5.62 -23.53 12.05
C LYS B 89 -5.11 -23.48 10.60
N ILE B 90 -5.41 -22.41 9.87
CA ILE B 90 -5.13 -22.39 8.43
C ILE B 90 -4.33 -21.19 7.95
N THR B 91 -4.15 -20.18 8.80
CA THR B 91 -3.38 -19.00 8.39
C THR B 91 -2.66 -18.40 9.57
N ASP B 92 -1.63 -17.60 9.27
CA ASP B 92 -0.93 -16.87 10.32
C ASP B 92 -1.23 -15.38 10.31
N HIS B 93 -2.15 -14.96 9.46
CA HIS B 93 -2.50 -13.55 9.41
C HIS B 93 -3.96 -13.31 9.03
N VAL B 94 -4.63 -12.45 9.80
CA VAL B 94 -6.01 -12.07 9.50
C VAL B 94 -6.14 -10.55 9.54
N ILE B 95 -6.88 -9.98 8.60
CA ILE B 95 -7.08 -8.54 8.58
C ILE B 95 -8.52 -8.24 8.93
N VAL B 96 -8.71 -7.61 10.09
CA VAL B 96 -10.03 -7.15 10.50
C VAL B 96 -10.41 -5.99 9.60
N SER B 97 -11.55 -6.13 8.92
N SER B 97 -11.55 -6.12 8.92
CA SER B 97 -11.94 -5.23 7.85
CA SER B 97 -11.91 -5.17 7.87
C SER B 97 -13.35 -4.67 8.03
C SER B 97 -13.22 -4.43 8.11
N GLY B 98 -13.83 -4.64 9.27
CA GLY B 98 -15.10 -3.97 9.59
C GLY B 98 -16.27 -4.89 9.87
N GLY B 99 -17.41 -4.32 10.27
CA GLY B 99 -17.57 -2.88 10.39
C GLY B 99 -17.38 -2.33 11.79
N GLY B 100 -18.20 -1.36 12.16
CA GLY B 100 -18.07 -0.72 13.46
C GLY B 100 -18.03 -1.68 14.65
N GLU B 101 -18.97 -2.62 14.69
CA GLU B 101 -19.03 -3.54 15.82
C GLU B 101 -17.79 -4.40 15.89
N ILE B 102 -17.38 -4.90 14.73
CA ILE B 102 -16.23 -5.79 14.67
C ILE B 102 -14.94 -5.03 15.01
N TYR B 103 -14.80 -3.79 14.55
CA TYR B 103 -13.62 -3.00 14.90
C TYR B 103 -13.54 -2.81 16.42
N LYS B 104 -14.66 -2.43 17.02
CA LYS B 104 -14.72 -2.21 18.47
C LYS B 104 -14.41 -3.47 19.26
N SER B 105 -14.88 -4.63 18.80
CA SER B 105 -14.61 -5.89 19.48
C SER B 105 -13.14 -6.29 19.43
N LEU B 106 -12.46 -5.98 18.33
CA LEU B 106 -11.14 -6.56 18.12
C LEU B 106 -9.93 -5.64 18.24
N ILE B 107 -10.15 -4.33 18.32
CA ILE B 107 -9.02 -3.40 18.25
C ILE B 107 -8.00 -3.63 19.38
N ASP B 108 -8.45 -4.07 20.55
CA ASP B 108 -7.51 -4.37 21.65
C ASP B 108 -6.68 -5.63 21.42
N GLN B 109 -7.02 -6.40 20.39
N GLN B 109 -7.03 -6.41 20.40
CA GLN B 109 -6.34 -7.66 20.13
CA GLN B 109 -6.33 -7.66 20.11
C GLN B 109 -5.56 -7.65 18.80
C GLN B 109 -5.34 -7.51 18.95
N VAL B 110 -5.57 -6.52 18.09
CA VAL B 110 -4.82 -6.41 16.84
C VAL B 110 -3.38 -5.87 17.05
N ASP B 111 -2.50 -6.23 16.13
CA ASP B 111 -1.08 -5.85 16.19
C ASP B 111 -0.70 -4.63 15.35
N THR B 112 -1.43 -4.43 14.25
CA THR B 112 -1.07 -3.42 13.26
C THR B 112 -2.34 -2.75 12.73
N LEU B 113 -2.35 -1.41 12.74
CA LEU B 113 -3.45 -0.66 12.13
C LEU B 113 -3.06 -0.03 10.79
N HIS B 114 -3.93 -0.19 9.81
CA HIS B 114 -3.87 0.55 8.55
C HIS B 114 -5.01 1.55 8.55
N ILE B 115 -4.70 2.82 8.69
CA ILE B 115 -5.75 3.84 8.78
C ILE B 115 -5.60 4.86 7.67
N SER B 116 -6.61 4.96 6.81
CA SER B 116 -6.67 6.05 5.84
C SER B 116 -7.58 7.13 6.37
N THR B 117 -7.01 8.30 6.65
CA THR B 117 -7.82 9.40 7.16
C THR B 117 -8.37 10.20 5.98
N ILE B 118 -9.69 10.31 5.92
CA ILE B 118 -10.37 10.89 4.75
C ILE B 118 -10.80 12.33 5.02
N ASP B 119 -10.38 13.24 4.13
CA ASP B 119 -10.58 14.68 4.34
C ASP B 119 -12.02 15.12 4.10
N ILE B 120 -12.91 14.70 4.99
CA ILE B 120 -14.33 14.95 4.84
C ILE B 120 -15.00 14.83 6.21
N GLU B 121 -16.08 15.57 6.44
CA GLU B 121 -16.85 15.45 7.68
C GLU B 121 -18.30 15.14 7.35
N PRO B 122 -18.59 13.87 7.06
CA PRO B 122 -19.90 13.49 6.55
C PRO B 122 -20.88 13.12 7.66
N GLU B 123 -22.16 13.01 7.30
N GLU B 123 -22.16 13.00 7.32
CA GLU B 123 -23.18 12.46 8.18
CA GLU B 123 -23.14 12.50 8.28
C GLU B 123 -23.00 10.96 8.30
C GLU B 123 -23.09 10.98 8.30
N GLY B 124 -23.21 10.42 9.49
CA GLY B 124 -23.22 8.97 9.65
C GLY B 124 -23.47 8.57 11.09
N ASP B 125 -23.75 7.29 11.27
CA ASP B 125 -24.09 6.78 12.59
C ASP B 125 -23.12 5.67 13.03
N VAL B 126 -22.15 5.33 12.19
CA VAL B 126 -21.15 4.34 12.55
C VAL B 126 -19.77 4.98 12.72
N TYR B 127 -19.24 4.86 13.94
CA TYR B 127 -17.97 5.46 14.31
C TYR B 127 -16.86 4.42 14.54
N PHE B 128 -15.61 4.83 14.36
CA PHE B 128 -14.48 3.98 14.66
C PHE B 128 -14.17 4.08 16.17
N PRO B 129 -13.77 2.97 16.80
CA PRO B 129 -13.45 3.00 18.23
C PRO B 129 -12.23 3.84 18.54
N GLU B 130 -12.07 4.22 19.80
CA GLU B 130 -10.88 4.92 20.22
C GLU B 130 -9.71 3.97 20.08
N ILE B 131 -8.56 4.51 19.70
CA ILE B 131 -7.35 3.71 19.48
C ILE B 131 -6.62 3.57 20.81
N PRO B 132 -6.30 2.33 21.21
CA PRO B 132 -5.57 2.09 22.46
C PRO B 132 -4.23 2.84 22.48
N SER B 133 -3.81 3.27 23.67
CA SER B 133 -2.69 4.20 23.80
C SER B 133 -1.33 3.60 23.45
N ASN B 134 -1.23 2.26 23.40
CA ASN B 134 0.06 1.64 23.11
C ASN B 134 0.34 1.52 21.60
N PHE B 135 -0.56 2.03 20.76
CA PHE B 135 -0.28 2.13 19.33
C PHE B 135 0.47 3.41 18.99
N ARG B 136 1.41 3.32 18.05
N ARG B 136 1.43 3.30 18.06
CA ARG B 136 2.09 4.50 17.56
CA ARG B 136 2.14 4.47 17.55
C ARG B 136 2.29 4.42 16.04
C ARG B 136 2.30 4.41 16.03
N PRO B 137 2.16 5.56 15.36
CA PRO B 137 2.35 5.60 13.90
C PRO B 137 3.80 5.37 13.49
N VAL B 138 4.02 4.59 12.43
CA VAL B 138 5.37 4.27 12.00
C VAL B 138 5.60 4.69 10.55
N PHE B 139 4.51 5.01 9.87
CA PHE B 139 4.54 5.39 8.46
C PHE B 139 3.33 6.25 8.10
N THR B 140 3.57 7.30 7.31
CA THR B 140 2.50 8.20 6.87
C THR B 140 2.73 8.63 5.43
N GLN B 141 1.66 8.65 4.63
CA GLN B 141 1.79 9.22 3.29
C GLN B 141 0.49 9.87 2.85
N ASP B 142 0.63 11.10 2.37
CA ASP B 142 -0.48 11.92 1.93
C ASP B 142 -0.80 11.66 0.47
N PHE B 143 -2.08 11.72 0.16
CA PHE B 143 -2.58 11.61 -1.21
C PHE B 143 -3.54 12.75 -1.53
N ALA B 144 -3.36 13.39 -2.68
CA ALA B 144 -4.33 14.38 -3.18
C ALA B 144 -5.29 13.71 -4.14
N SER B 145 -6.59 13.92 -3.93
CA SER B 145 -7.59 13.33 -4.82
C SER B 145 -8.86 14.18 -4.83
N ASN B 146 -9.94 13.67 -5.37
CA ASN B 146 -11.20 14.40 -5.36
C ASN B 146 -11.59 14.72 -3.93
N ILE B 147 -11.34 13.75 -3.05
CA ILE B 147 -11.27 13.94 -1.61
C ILE B 147 -9.89 13.49 -1.18
N ASN B 148 -9.15 14.36 -0.50
CA ASN B 148 -7.82 14.01 -0.03
C ASN B 148 -7.83 12.95 1.06
N TYR B 149 -6.81 12.10 1.07
CA TYR B 149 -6.67 11.12 2.13
C TYR B 149 -5.21 10.95 2.51
N SER B 150 -5.01 10.48 3.72
CA SER B 150 -3.69 10.24 4.25
C SER B 150 -3.61 8.82 4.81
N TYR B 151 -2.62 8.06 4.38
CA TYR B 151 -2.48 6.67 4.79
C TYR B 151 -1.45 6.56 5.91
N GLN B 152 -1.84 5.92 7.00
CA GLN B 152 -0.94 5.82 8.14
C GLN B 152 -0.97 4.43 8.73
N ILE B 153 0.20 3.88 8.99
CA ILE B 153 0.31 2.57 9.61
C ILE B 153 0.76 2.71 11.06
N TRP B 154 0.08 1.99 11.95
CA TRP B 154 0.37 1.98 13.38
C TRP B 154 0.83 0.60 13.85
N GLN B 155 1.81 0.58 14.76
CA GLN B 155 2.26 -0.64 15.41
C GLN B 155 2.03 -0.58 16.92
N LYS B 156 1.63 -1.71 17.48
CA LYS B 156 1.45 -1.84 18.92
C LYS B 156 2.77 -2.13 19.60
N GLY B 157 3.08 -1.36 20.65
CA GLY B 157 4.32 -1.54 21.39
C GLY B 157 5.35 -0.47 21.08
PA NAP C . 17.47 3.70 -15.67
O1A NAP C . 17.96 4.04 -14.33
O2A NAP C . 16.04 3.30 -15.74
O5B NAP C . 17.78 4.91 -16.67
C5B NAP C . 19.12 5.35 -16.82
C4B NAP C . 19.12 6.60 -17.69
O4B NAP C . 18.72 7.71 -16.91
C3B NAP C . 20.50 6.93 -18.22
O3B NAP C . 20.72 6.21 -19.40
C2B NAP C . 20.33 8.42 -18.46
O2B NAP C . 19.46 8.57 -19.54
C1B NAP C . 19.48 8.84 -17.28
N9A NAP C . 20.31 9.26 -16.14
C8A NAP C . 20.86 8.48 -15.15
N7A NAP C . 21.52 9.30 -14.29
C5A NAP C . 21.39 10.58 -14.72
C6A NAP C . 21.87 11.80 -14.24
N6A NAP C . 22.60 11.86 -13.13
N1A NAP C . 21.56 12.96 -14.94
C2A NAP C . 20.80 12.91 -16.09
N3A NAP C . 20.33 11.70 -16.56
C4A NAP C . 20.64 10.56 -15.89
O3 NAP C . 18.36 2.53 -16.31
PN NAP C . 18.84 1.10 -15.75
O1N NAP C . 19.29 0.36 -16.95
O2N NAP C . 19.70 1.31 -14.57
O5D NAP C . 17.47 0.47 -15.21
C5D NAP C . 16.62 -0.27 -16.05
C4D NAP C . 16.31 -1.59 -15.33
O4D NAP C . 15.77 -1.35 -14.04
C3D NAP C . 15.27 -2.39 -16.11
O3D NAP C . 15.69 -3.73 -16.17
C2D NAP C . 14.03 -2.27 -15.26
O2D NAP C . 13.21 -3.41 -15.40
C1D NAP C . 14.63 -2.17 -13.87
N1N NAP C . 13.62 -1.64 -12.91
C2N NAP C . 13.19 -2.47 -11.91
C3N NAP C . 12.25 -2.05 -10.98
C7N NAP C . 11.84 -3.01 -9.90
O7N NAP C . 11.04 -2.60 -8.84
N7N NAP C . 12.27 -4.27 -9.99
C4N NAP C . 11.74 -0.76 -11.05
C5N NAP C . 12.19 0.08 -12.07
C6N NAP C . 13.12 -0.37 -13.01
P2B NAP C . 19.96 8.85 -21.05
O1X NAP C . 20.45 7.55 -21.62
O2X NAP C . 18.81 9.29 -21.92
O3X NAP C . 21.00 9.94 -20.95
N1 6DR D . 8.27 -1.05 -7.28
C2 6DR D . 7.58 -2.15 -6.94
N3 6DR D . 7.08 -2.96 -7.90
C4 6DR D . 7.26 -2.71 -9.21
C5 6DR D . 7.97 -1.57 -9.57
C6 6DR D . 8.47 -0.75 -8.57
CAA 6DR D . 5.20 -3.58 -10.13
CAB 6DR D . 10.32 -2.27 -16.69
NAC 6DR D . 7.38 -2.41 -5.66
NAD 6DR D . 9.15 0.33 -8.96
CAE 6DR D . 8.46 -0.85 -12.08
CAF 6DR D . 8.22 -1.21 -10.92
CAG 6DR D . 2.14 -2.24 -15.54
CAH 6DR D . 2.57 -1.78 -13.19
CAI 6DR D . 3.50 -2.16 -15.80
CAJ 6DR D . 3.93 -1.69 -13.47
CAK 6DR D . 6.30 -2.29 -16.20
CAL 6DR D . 7.66 -2.18 -16.45
CAM 6DR D . 6.58 -1.14 -14.11
CAN 6DR D . 6.74 -3.58 -10.18
CAO 6DR D . 8.78 -0.38 -13.43
NAP 6DR D . 1.67 -2.06 -14.23
OAS 6DR D . 9.82 -1.37 -15.69
CAV 6DR D . 4.40 -1.88 -14.77
CAW 6DR D . 5.76 -1.77 -15.03
CAX 6DR D . 7.94 -1.01 -14.36
CAZ 6DR D . 8.48 -1.53 -15.52
N1 6DR E . 8.28 -1.23 -7.15
C2 6DR E . 7.47 -2.30 -7.13
N3 6DR E . 6.86 -2.72 -8.26
C4 6DR E . 7.02 -2.07 -9.42
C5 6DR E . 7.86 -0.96 -9.46
C6 6DR E . 8.48 -0.56 -8.28
CAA 6DR E . 4.98 -3.02 -10.28
CAB 6DR E . 8.10 4.52 -15.16
NAC 6DR E . 7.27 -2.95 -6.00
NAD 6DR E . 9.27 0.51 -8.35
CAE 6DR E . 8.24 0.34 -11.73
CAF 6DR E . 8.06 -0.26 -10.69
CAG 6DR E . 2.22 -1.08 -15.60
CAH 6DR E . 2.22 -1.30 -13.18
CAI 6DR E . 3.32 -0.24 -15.51
CAJ 6DR E . 3.32 -0.45 -13.11
CAK 6DR E . 4.84 2.20 -14.78
CAL 6DR E . 5.91 3.10 -14.75
CAM 6DR E . 6.17 0.57 -13.62
CAN 6DR E . 6.38 -2.51 -10.59
CAO 6DR E . 8.46 1.09 -12.99
NAP 6DR E . 1.67 -1.62 -14.43
OAS 6DR E . 8.17 3.54 -14.11
CAV 6DR E . 3.87 0.09 -14.27
CAW 6DR E . 4.97 0.94 -14.21
CAX 6DR E . 7.25 1.45 -13.58
CAZ 6DR E . 7.09 2.72 -14.16
C1 GOL F . 5.80 23.06 -3.16
O1 GOL F . 6.29 24.36 -3.42
C2 GOL F . 4.48 23.22 -2.38
O2 GOL F . 3.62 22.13 -2.65
C3 GOL F . 4.77 23.35 -0.89
O3 GOL F . 6.02 22.75 -0.60
CA CA G . 22.87 14.55 -11.34
PA NAP H . -20.78 -4.99 11.08
O1A NAP H . -19.71 -4.88 12.11
O2A NAP H . -20.29 -4.99 9.70
O5B NAP H . -21.66 -6.31 11.34
C5B NAP H . -22.45 -6.39 12.51
C4B NAP H . -23.06 -7.78 12.46
O4B NAP H . -22.04 -8.72 12.69
C3B NAP H . -24.13 -8.04 13.51
O3B NAP H . -25.39 -7.61 13.02
C2B NAP H . -24.00 -9.55 13.66
O2B NAP H . -24.55 -10.19 12.54
C1B NAP H . -22.52 -9.78 13.48
N9A NAP H . -21.78 -9.80 14.76
C8A NAP H . -21.23 -8.74 15.44
N7A NAP H . -20.62 -9.22 16.54
C5A NAP H . -20.78 -10.57 16.58
C6A NAP H . -20.38 -11.57 17.47
N6A NAP H . -19.68 -11.28 18.57
N1A NAP H . -20.70 -12.88 17.20
C2A NAP H . -21.43 -13.21 16.08
N3A NAP H . -21.82 -12.21 15.21
C4A NAP H . -21.51 -10.93 15.45
O3 NAP H . -21.89 -3.82 11.30
PN NAP H . -21.82 -2.28 11.69
O1N NAP H . -23.17 -1.73 11.50
O2N NAP H . -21.08 -2.05 12.95
O5D NAP H . -20.85 -1.65 10.56
C5D NAP H . -21.28 -1.53 9.22
C4D NAP H . -20.93 -0.12 8.76
O4D NAP H . -19.53 0.05 8.79
C3D NAP H . -21.35 0.08 7.31
O3D NAP H . -21.80 1.40 7.18
C2D NAP H . -20.06 -0.07 6.53
O2D NAP H . -20.07 0.67 5.34
C1D NAP H . -19.09 0.51 7.53
N1N NAP H . -17.72 0.10 7.16
C2N NAP H . -16.85 1.11 6.89
C3N NAP H . -15.54 0.84 6.52
C7N NAP H . -14.56 1.97 6.36
O7N NAP H . -13.22 1.61 6.24
N7N NAP H . -14.96 3.24 6.32
C4N NAP H . -15.13 -0.49 6.40
C5N NAP H . -16.04 -1.53 6.68
C6N NAP H . -17.34 -1.21 7.05
P2B NAP H . -26.08 -10.68 12.42
O1X NAP H . -26.93 -9.45 12.28
O2X NAP H . -26.21 -11.51 11.17
O3X NAP H . -26.42 -11.50 13.63
N1 6DR I . -10.12 0.02 4.60
C2 6DR I . -9.70 1.01 3.79
N3 6DR I . -10.48 1.44 2.78
C4 6DR I . -11.70 0.94 2.55
C5 6DR I . -12.17 -0.08 3.39
C6 6DR I . -11.34 -0.51 4.42
CAA 6DR I . -12.04 0.91 0.13
CAB 6DR I . -19.77 -1.07 2.69
NAC 6DR I . -8.48 1.52 3.99
NAD 6DR I . -11.81 -1.50 5.21
CAE 6DR I . -14.56 -1.23 3.12
CAF 6DR I . -13.47 -0.68 3.22
CAG 6DR I . -13.43 -2.22 -2.90
CAH 6DR I . -15.39 -1.58 -4.19
CAI 6DR I . -14.19 -2.17 -1.73
CAJ 6DR I . -16.14 -1.54 -3.01
CAK 6DR I . -17.67 -1.64 -0.72
CAL 6DR I . -18.44 -1.60 0.45
CAM 6DR I . -15.67 -1.88 0.63
CAN 6DR I . -12.49 1.43 1.50
CAO 6DR I . -15.87 -1.94 3.06
NAP 6DR I . -14.03 -1.93 -4.13
OAS 6DR I . -18.49 -1.68 2.86
CAV 6DR I . -15.53 -1.82 -1.79
CAW 6DR I . -16.30 -1.77 -0.62
CAX 6DR I . -16.44 -1.84 1.79
CAZ 6DR I . -17.81 -1.72 1.69
N1 6DR J . -10.24 0.08 4.79
C2 6DR J . -10.19 1.10 3.91
N3 6DR J . -11.09 1.21 2.91
C4 6DR J . -12.06 0.29 2.75
C5 6DR J . -12.14 -0.78 3.65
C6 6DR J . -11.19 -0.84 4.67
CAA 6DR J . -12.36 0.06 0.37
CAB 6DR J . -16.47 -7.52 2.95
NAC 6DR J . -9.23 2.01 4.06
NAD 6DR J . -11.28 -1.88 5.52
CAE 6DR J . -14.00 -2.69 3.48
CAF 6DR J . -13.14 -1.78 3.54
CAG 6DR J . -15.14 -2.85 -3.61
CAH 6DR J . -12.98 -2.24 -2.71
CAI 6DR J . -15.44 -3.49 -2.42
CAJ 6DR J . -13.30 -2.88 -1.53
CAK 6DR J . -15.29 -5.49 -0.30
CAL 6DR J . -15.63 -6.23 0.82
CAM 6DR J . -14.74 -3.58 1.05
CAN 6DR J . -12.99 0.40 1.72
CAO 6DR J . -14.99 -3.75 3.46
NAP 6DR J . -13.91 -2.21 -3.76
OAS 6DR J . -15.82 -6.27 3.22
CAV 6DR J . -14.53 -3.52 -1.38
CAW 6DR J . -14.85 -4.18 -0.20
CAX 6DR J . -15.07 -4.32 2.20
CAZ 6DR J . -15.52 -5.62 2.07
C1 GOL K . -26.70 2.47 15.21
O1 GOL K . -27.29 2.74 16.46
C2 GOL K . -25.32 1.84 15.40
O2 GOL K . -24.30 2.72 14.98
C3 GOL K . -25.18 0.54 14.61
O3 GOL K . -26.33 0.26 13.86
CA CA L . -20.94 -1.44 18.89
CA CA M . -14.28 3.18 21.81
#